data_3W20
#
_entry.id   3W20
#
_cell.length_a   48.999
_cell.length_b   70.956
_cell.length_c   147.893
_cell.angle_alpha   90.00
_cell.angle_beta   90.00
_cell.angle_gamma   90.00
#
_symmetry.space_group_name_H-M   'P 21 21 21'
#
loop_
_entity.id
_entity.type
_entity.pdbx_description
1 polymer 'Putative uncharacterized protein'
2 non-polymer 'ZINC ION'
3 water water
#
_entity_poly.entity_id   1
_entity_poly.type   'polypeptide(L)'
_entity_poly.pdbx_seq_one_letter_code
;(MSE)QHTYPAQL(MSE)RFGTAARAEH(MSE)TIAAAIHALDADEADAIV(MSE)DIVPDGERDAWWDDEGFSSSPFTK
NAHHAGIVATSVTLGQLQREQGDKLVSKAAEYFGIACRVNDGLRTTRFVRLFSDALDAKPLTIGHDYEVEFLLATRRVYE
PFEAPFNFAPHCDDVSYGRDTVNWPLKRSFPRQLGGFLTIQGADNDAG(MSE)V(MSE)WDNRPESRAALDE(MSE)HAE
YRETGAIAALERAAKI(MSE)LKPQPGQLTLFQSKNLHAIERCTSTRRT(MSE)GLFLIHTEDGWR(MSE)FD
;
_entity_poly.pdbx_strand_id   A,B
#
loop_
_chem_comp.id
_chem_comp.type
_chem_comp.name
_chem_comp.formula
ZN non-polymer 'ZINC ION' 'Zn 2'
#
# COMPACT_ATOMS: atom_id res chain seq x y z
N MSE A 1 -26.51 21.66 14.38
CA MSE A 1 -27.63 21.53 13.39
C MSE A 1 -27.12 21.84 11.97
O MSE A 1 -26.23 22.66 11.78
CB MSE A 1 -28.90 22.23 13.90
CG MSE A 1 -29.04 23.66 13.40
SE MSE A 1 -30.77 23.93 12.52
CE MSE A 1 -31.86 22.36 13.06
N GLN A 2 -27.68 21.13 11.00
CA GLN A 2 -27.11 21.00 9.66
C GLN A 2 -27.85 21.79 8.62
N HIS A 3 -27.14 22.15 7.54
CA HIS A 3 -27.83 22.78 6.40
C HIS A 3 -28.78 21.82 5.74
N THR A 4 -29.92 22.36 5.28
CA THR A 4 -30.82 21.57 4.43
C THR A 4 -30.67 22.11 3.02
N TYR A 5 -30.93 21.29 2.00
CA TYR A 5 -30.79 21.62 0.63
C TYR A 5 -31.96 21.02 -0.12
N PRO A 6 -32.42 21.67 -1.22
CA PRO A 6 -33.41 21.10 -2.12
C PRO A 6 -32.96 19.68 -2.53
N ALA A 7 -33.86 18.69 -2.47
CA ALA A 7 -33.52 17.28 -2.81
C ALA A 7 -34.65 16.65 -3.63
N GLN A 8 -34.26 15.88 -4.62
CA GLN A 8 -35.26 15.00 -5.30
C GLN A 8 -34.94 13.57 -4.93
N LEU A 9 -35.94 12.86 -4.42
CA LEU A 9 -35.66 11.49 -3.97
C LEU A 9 -36.34 10.50 -4.94
N MSE A 10 -35.55 9.60 -5.55
CA MSE A 10 -36.06 8.76 -6.62
C MSE A 10 -36.12 7.33 -6.21
O MSE A 10 -35.12 6.81 -5.69
CB MSE A 10 -35.19 8.82 -7.87
CG MSE A 10 -33.93 9.66 -7.65
SE MSE A 10 -34.37 11.54 -8.10
CE MSE A 10 -34.55 10.79 -9.83
N ARG A 11 -37.24 6.65 -6.47
CA ARG A 11 -37.31 5.17 -6.36
C ARG A 11 -37.78 4.65 -7.67
N PHE A 12 -37.31 3.49 -8.08
CA PHE A 12 -37.76 2.85 -9.31
C PHE A 12 -39.28 2.85 -9.45
N GLY A 13 -39.76 3.22 -10.66
CA GLY A 13 -41.20 3.17 -11.01
C GLY A 13 -42.10 4.22 -10.34
N THR A 14 -41.53 5.16 -9.61
CA THR A 14 -42.26 6.11 -8.74
C THR A 14 -41.90 7.56 -9.04
N ALA A 15 -42.85 8.52 -8.89
CA ALA A 15 -42.53 9.95 -9.10
C ALA A 15 -41.57 10.42 -8.01
N ALA A 16 -40.67 11.36 -8.37
CA ALA A 16 -39.61 11.79 -7.48
C ALA A 16 -40.31 12.56 -6.38
N ARG A 17 -39.90 12.38 -5.14
CA ARG A 17 -40.44 13.22 -4.05
C ARG A 17 -39.53 14.41 -3.92
N ALA A 18 -40.10 15.61 -3.88
CA ALA A 18 -39.28 16.81 -3.71
C ALA A 18 -39.28 17.25 -2.24
N GLU A 19 -38.14 17.33 -1.59
CA GLU A 19 -38.07 17.67 -0.16
C GLU A 19 -36.84 18.53 0.06
N HIS A 20 -36.81 19.26 1.15
CA HIS A 20 -35.60 19.90 1.60
C HIS A 20 -35.00 19.00 2.69
N MSE A 21 -33.75 18.55 2.52
CA MSE A 21 -33.20 17.56 3.46
C MSE A 21 -31.81 17.90 3.80
O MSE A 21 -31.09 18.52 3.00
CB MSE A 21 -33.02 16.12 2.89
CG MSE A 21 -34.05 15.89 1.84
SE MSE A 21 -33.84 14.02 1.32
CE MSE A 21 -34.14 13.11 2.99
N THR A 22 -31.37 17.44 4.96
CA THR A 22 -29.93 17.52 5.27
C THR A 22 -29.22 16.43 4.51
N ILE A 23 -27.89 16.58 4.36
CA ILE A 23 -27.08 15.45 3.85
C ILE A 23 -27.27 14.17 4.70
N ALA A 24 -27.23 14.28 6.05
CA ALA A 24 -27.35 13.07 6.88
C ALA A 24 -28.71 12.45 6.66
N ALA A 25 -29.78 13.26 6.43
CA ALA A 25 -31.06 12.62 6.24
C ALA A 25 -31.14 11.86 4.89
N ALA A 26 -30.59 12.45 3.85
CA ALA A 26 -30.58 11.83 2.51
C ALA A 26 -29.78 10.51 2.56
N ILE A 27 -28.63 10.57 3.23
CA ILE A 27 -27.74 9.38 3.37
C ILE A 27 -28.52 8.33 4.21
N HIS A 28 -29.16 8.74 5.30
CA HIS A 28 -29.99 7.75 6.07
C HIS A 28 -31.09 7.11 5.26
N ALA A 29 -31.77 7.89 4.38
CA ALA A 29 -32.83 7.31 3.59
C ALA A 29 -32.25 6.28 2.67
N LEU A 30 -31.07 6.57 2.10
CA LEU A 30 -30.49 5.58 1.17
C LEU A 30 -30.11 4.32 1.95
N ASP A 31 -29.53 4.54 3.13
CA ASP A 31 -28.96 3.38 3.87
C ASP A 31 -30.13 2.54 4.37
N ALA A 32 -31.29 3.19 4.58
CA ALA A 32 -32.50 2.46 4.95
C ALA A 32 -33.18 1.78 3.77
N ASP A 33 -32.61 1.82 2.61
CA ASP A 33 -33.28 1.34 1.42
C ASP A 33 -34.62 2.01 1.16
N GLU A 34 -34.72 3.30 1.45
CA GLU A 34 -35.97 4.08 1.21
C GLU A 34 -35.89 4.92 -0.10
N ALA A 35 -34.74 4.90 -0.74
CA ALA A 35 -34.58 5.59 -2.02
C ALA A 35 -33.50 4.85 -2.83
N ASP A 36 -33.56 4.94 -4.17
CA ASP A 36 -32.50 4.40 -4.94
C ASP A 36 -31.45 5.49 -5.30
N ALA A 37 -31.91 6.70 -5.52
CA ALA A 37 -31.02 7.85 -5.75
C ALA A 37 -31.63 9.10 -5.20
N ILE A 38 -30.78 10.01 -4.83
CA ILE A 38 -31.17 11.34 -4.32
C ILE A 38 -30.25 12.35 -4.99
N VAL A 39 -30.89 13.39 -5.56
CA VAL A 39 -30.11 14.47 -6.16
C VAL A 39 -30.34 15.78 -5.40
N MSE A 40 -29.28 16.44 -4.93
CA MSE A 40 -29.41 17.58 -4.01
C MSE A 40 -28.68 18.81 -4.56
O MSE A 40 -27.63 18.72 -5.12
CB MSE A 40 -28.71 17.21 -2.66
CG MSE A 40 -29.20 15.86 -2.14
SE MSE A 40 -28.38 15.54 -0.36
CE MSE A 40 -29.19 17.02 0.60
N ASP A 41 -29.29 20.00 -4.38
CA ASP A 41 -28.71 21.25 -4.85
C ASP A 41 -27.83 21.79 -3.74
N ILE A 42 -26.54 21.57 -3.88
CA ILE A 42 -25.59 21.86 -2.82
C ILE A 42 -24.90 23.19 -3.05
N VAL A 43 -24.34 23.37 -4.24
CA VAL A 43 -23.42 24.50 -4.44
C VAL A 43 -24.09 25.55 -5.35
N PRO A 44 -24.23 26.79 -4.87
CA PRO A 44 -24.94 27.77 -5.74
C PRO A 44 -24.09 28.29 -6.89
N ASP A 45 -24.76 28.88 -7.87
CA ASP A 45 -24.06 29.39 -9.03
C ASP A 45 -22.96 30.39 -8.63
N GLY A 46 -21.84 30.32 -9.31
CA GLY A 46 -20.74 31.19 -9.01
C GLY A 46 -19.79 30.58 -8.02
N GLU A 47 -20.20 29.57 -7.27
CA GLU A 47 -19.32 29.03 -6.23
C GLU A 47 -18.75 27.66 -6.62
N ARG A 48 -19.11 27.16 -7.81
CA ARG A 48 -18.72 25.82 -8.25
C ARG A 48 -17.26 25.62 -8.45
N ASP A 49 -16.60 26.61 -9.08
CA ASP A 49 -15.16 26.56 -9.26
C ASP A 49 -14.35 26.40 -7.97
N ALA A 50 -14.77 27.07 -6.90
CA ALA A 50 -14.08 27.02 -5.61
C ALA A 50 -13.98 25.58 -5.05
N TRP A 51 -14.98 24.73 -5.34
CA TRP A 51 -14.96 23.35 -4.84
C TRP A 51 -13.96 22.51 -5.58
N TRP A 52 -13.75 22.80 -6.87
CA TRP A 52 -12.75 22.08 -7.62
C TRP A 52 -11.34 22.52 -7.33
N ASP A 53 -11.18 23.84 -7.31
CA ASP A 53 -9.84 24.44 -7.05
C ASP A 53 -9.45 24.44 -5.58
N ASP A 54 -10.28 23.93 -4.67
CA ASP A 54 -9.93 23.66 -3.27
C ASP A 54 -8.46 23.21 -3.09
N GLU A 55 -7.73 23.90 -2.20
CA GLU A 55 -6.29 23.64 -2.03
C GLU A 55 -5.94 22.20 -1.58
N GLY A 56 -6.92 21.49 -1.01
CA GLY A 56 -6.77 20.11 -0.56
C GLY A 56 -6.63 19.09 -1.68
N PHE A 57 -6.93 19.48 -2.93
CA PHE A 57 -6.70 18.58 -4.08
C PHE A 57 -5.27 18.67 -4.64
N SER A 58 -4.45 19.58 -4.10
CA SER A 58 -3.24 19.99 -4.79
C SER A 58 -2.07 18.99 -4.93
N SER A 59 -1.83 18.14 -3.93
CA SER A 59 -0.62 17.25 -3.87
C SER A 59 0.71 18.01 -3.69
N SER A 75 -3.73 8.78 -10.75
CA SER A 75 -4.38 8.54 -9.47
C SER A 75 -5.02 7.12 -9.48
N VAL A 76 -4.68 6.26 -8.52
CA VAL A 76 -5.21 4.88 -8.57
C VAL A 76 -6.50 4.76 -7.77
N THR A 77 -7.56 4.27 -8.41
CA THR A 77 -8.84 4.09 -7.72
C THR A 77 -9.03 2.64 -7.27
N LEU A 78 -9.92 2.42 -6.30
CA LEU A 78 -10.22 1.07 -5.83
C LEU A 78 -10.80 0.27 -6.99
N GLY A 79 -11.61 0.90 -7.88
CA GLY A 79 -12.19 0.16 -8.98
C GLY A 79 -11.12 -0.31 -9.92
N GLN A 80 -10.08 0.50 -10.10
CA GLN A 80 -8.93 0.08 -10.92
C GLN A 80 -8.10 -1.03 -10.21
N LEU A 81 -7.98 -0.89 -8.90
CA LEU A 81 -7.27 -1.91 -8.17
C LEU A 81 -7.96 -3.26 -8.28
N GLN A 82 -9.30 -3.26 -8.27
CA GLN A 82 -10.06 -4.49 -8.36
C GLN A 82 -9.88 -5.22 -9.67
N ARG A 83 -9.46 -4.55 -10.74
CA ARG A 83 -9.26 -5.23 -12.01
C ARG A 83 -8.02 -6.11 -12.03
N GLU A 84 -7.07 -5.84 -11.15
CA GLU A 84 -5.80 -6.56 -11.21
C GLU A 84 -5.84 -7.94 -10.52
N GLN A 85 -4.96 -8.88 -10.93
CA GLN A 85 -4.94 -10.19 -10.37
C GLN A 85 -3.52 -10.62 -10.02
N GLY A 86 -3.45 -11.47 -9.01
CA GLY A 86 -2.20 -12.16 -8.63
C GLY A 86 -1.07 -11.17 -8.26
N ASP A 87 0.14 -11.36 -8.83
CA ASP A 87 1.25 -10.47 -8.42
C ASP A 87 0.99 -9.03 -8.85
N LYS A 88 0.28 -8.83 -9.95
CA LYS A 88 -0.09 -7.45 -10.33
C LYS A 88 -1.05 -6.79 -9.32
N LEU A 89 -1.91 -7.57 -8.66
CA LEU A 89 -2.78 -7.03 -7.62
C LEU A 89 -1.93 -6.65 -6.40
N VAL A 90 -0.92 -7.49 -6.06
CA VAL A 90 -0.02 -7.09 -4.90
C VAL A 90 0.70 -5.77 -5.22
N SER A 91 1.21 -5.62 -6.45
CA SER A 91 2.01 -4.45 -6.80
C SER A 91 1.08 -3.23 -6.92
N LYS A 92 -0.09 -3.40 -7.54
CA LYS A 92 -1.04 -2.23 -7.60
C LYS A 92 -1.58 -1.86 -6.23
N ALA A 93 -1.76 -2.85 -5.32
CA ALA A 93 -2.20 -2.50 -3.92
C ALA A 93 -1.10 -1.66 -3.27
N ALA A 94 0.17 -1.99 -3.53
CA ALA A 94 1.24 -1.19 -2.90
C ALA A 94 1.09 0.25 -3.44
N GLU A 95 0.87 0.44 -4.74
CA GLU A 95 0.67 1.81 -5.32
C GLU A 95 -0.53 2.50 -4.74
N TYR A 96 -1.62 1.75 -4.65
CA TYR A 96 -2.85 2.34 -4.15
C TYR A 96 -2.71 2.85 -2.74
N PHE A 97 -2.22 2.00 -1.86
CA PHE A 97 -2.14 2.39 -0.44
C PHE A 97 -0.99 3.33 -0.16
N GLY A 98 0.06 3.23 -0.95
CA GLY A 98 1.23 4.15 -0.81
C GLY A 98 0.80 5.56 -1.22
N ILE A 99 0.00 5.64 -2.26
CA ILE A 99 -0.45 6.97 -2.75
C ILE A 99 -1.46 7.57 -1.79
N ALA A 100 -2.36 6.76 -1.26
CA ALA A 100 -3.49 7.32 -0.51
C ALA A 100 -2.92 8.13 0.67
N CYS A 101 -1.86 7.59 1.26
CA CYS A 101 -1.29 8.26 2.36
C CYS A 101 -0.69 9.63 1.99
N ARG A 102 -0.12 9.79 0.78
CA ARG A 102 0.46 11.07 0.33
C ARG A 102 -0.68 12.07 0.13
N VAL A 103 -1.80 11.62 -0.38
CA VAL A 103 -2.77 12.59 -0.87
C VAL A 103 -3.93 12.83 0.12
N ASN A 104 -4.18 11.93 1.05
CA ASN A 104 -5.36 12.07 1.93
C ASN A 104 -5.24 13.23 2.92
N ASP A 105 -4.01 13.65 3.24
CA ASP A 105 -3.81 14.76 4.17
C ASP A 105 -4.43 16.04 3.63
N GLY A 106 -4.18 16.28 2.35
CA GLY A 106 -4.93 17.28 1.59
C GLY A 106 -6.41 16.97 1.37
N LEU A 107 -6.74 15.73 0.93
CA LEU A 107 -8.19 15.49 0.65
C LEU A 107 -9.10 15.63 1.86
N ARG A 108 -8.60 15.29 3.05
CA ARG A 108 -9.45 15.37 4.19
C ARG A 108 -9.82 16.80 4.52
N THR A 109 -9.11 17.79 3.98
CA THR A 109 -9.42 19.21 4.26
C THR A 109 -10.38 19.81 3.22
N THR A 110 -10.65 19.06 2.15
CA THR A 110 -11.47 19.61 1.09
C THR A 110 -12.90 19.84 1.53
N ARG A 111 -13.56 20.86 0.97
CA ARG A 111 -14.95 21.07 1.26
C ARG A 111 -15.82 19.89 0.89
N PHE A 112 -15.46 19.26 -0.22
CA PHE A 112 -16.16 18.07 -0.67
C PHE A 112 -16.12 16.93 0.35
N VAL A 113 -14.94 16.60 0.86
CA VAL A 113 -14.80 15.45 1.80
C VAL A 113 -15.46 15.89 3.11
N ARG A 114 -15.25 17.15 3.50
CA ARG A 114 -15.85 17.66 4.73
C ARG A 114 -17.40 17.63 4.71
N LEU A 115 -18.00 17.71 3.53
CA LEU A 115 -19.45 17.52 3.42
C LEU A 115 -19.92 16.27 4.13
N PHE A 116 -19.23 15.16 3.87
CA PHE A 116 -19.54 13.93 4.52
C PHE A 116 -18.94 13.76 5.89
N SER A 117 -17.67 14.18 6.12
CA SER A 117 -17.14 13.99 7.48
C SER A 117 -17.99 14.73 8.54
N ASP A 118 -18.43 15.94 8.18
CA ASP A 118 -19.29 16.72 9.03
C ASP A 118 -20.67 16.15 9.17
N ALA A 119 -21.28 15.76 8.08
CA ALA A 119 -22.63 15.33 8.18
C ALA A 119 -22.76 13.97 8.93
N LEU A 120 -21.82 13.06 8.70
CA LEU A 120 -22.00 11.69 9.10
C LEU A 120 -21.01 11.27 10.18
N ASP A 121 -20.13 12.18 10.57
CA ASP A 121 -18.92 11.77 11.32
C ASP A 121 -18.17 10.71 10.54
N ALA A 122 -18.15 10.83 9.20
CA ALA A 122 -17.45 9.80 8.40
C ALA A 122 -15.93 9.93 8.57
N LYS A 123 -15.24 8.81 8.39
CA LYS A 123 -13.78 8.80 8.40
C LYS A 123 -13.32 8.03 7.17
N PRO A 124 -12.05 8.16 6.76
CA PRO A 124 -11.57 7.28 5.65
C PRO A 124 -11.66 5.81 6.04
N LEU A 125 -12.01 4.96 5.10
CA LEU A 125 -12.00 3.52 5.32
C LEU A 125 -10.54 3.11 5.55
N THR A 126 -10.33 2.13 6.41
CA THR A 126 -8.96 1.66 6.70
C THR A 126 -8.93 0.15 6.53
N ILE A 127 -7.73 -0.36 6.26
CA ILE A 127 -7.57 -1.80 6.21
C ILE A 127 -6.63 -2.21 7.34
N GLY A 128 -6.78 -3.42 7.87
CA GLY A 128 -5.85 -3.88 8.91
C GLY A 128 -6.40 -3.82 10.33
N TYR A 131 -2.03 -2.05 13.17
CA TYR A 131 -1.82 -0.90 12.28
C TYR A 131 -3.03 -0.70 11.38
N GLU A 132 -3.44 0.55 11.17
CA GLU A 132 -4.41 0.82 10.11
C GLU A 132 -4.02 1.92 9.11
N VAL A 133 -4.18 1.60 7.82
CA VAL A 133 -3.74 2.52 6.78
C VAL A 133 -5.03 2.80 5.97
N GLU A 134 -5.05 3.94 5.34
CA GLU A 134 -6.28 4.50 4.76
C GLU A 134 -6.34 4.13 3.28
N PHE A 135 -7.57 3.87 2.85
CA PHE A 135 -7.93 3.93 1.46
C PHE A 135 -7.88 5.38 0.98
N LEU A 136 -7.71 5.53 -0.33
CA LEU A 136 -7.81 6.83 -0.96
C LEU A 136 -9.18 7.43 -0.60
N LEU A 137 -9.26 8.75 -0.33
CA LEU A 137 -10.59 9.32 0.09
C LEU A 137 -11.57 9.65 -1.02
N ALA A 138 -11.06 10.16 -2.13
CA ALA A 138 -11.98 10.80 -3.13
C ALA A 138 -11.12 11.15 -4.33
N THR A 139 -11.76 11.43 -5.47
CA THR A 139 -11.11 11.76 -6.68
C THR A 139 -11.86 12.89 -7.42
N ARG A 140 -11.09 13.77 -8.06
CA ARG A 140 -11.67 14.64 -9.06
C ARG A 140 -11.64 13.96 -10.40
N ARG A 141 -12.69 14.08 -11.19
CA ARG A 141 -12.88 13.21 -12.35
C ARG A 141 -13.10 14.11 -13.53
N VAL A 142 -12.31 13.90 -14.57
CA VAL A 142 -12.48 14.61 -15.87
C VAL A 142 -13.02 13.57 -16.88
N TYR A 143 -14.14 13.87 -17.52
CA TYR A 143 -14.72 12.97 -18.53
C TYR A 143 -14.51 13.72 -19.87
N GLU A 144 -13.57 13.28 -20.73
CA GLU A 144 -13.39 13.89 -22.08
C GLU A 144 -14.29 13.15 -23.07
N PRO A 145 -14.85 13.87 -24.07
CA PRO A 145 -15.66 13.31 -25.14
C PRO A 145 -15.13 11.95 -25.66
N PHE A 146 -16.02 10.97 -25.73
CA PHE A 146 -15.68 9.60 -26.10
C PHE A 146 -16.85 9.14 -26.92
N GLU A 147 -16.64 8.81 -28.20
CA GLU A 147 -17.73 8.38 -29.07
C GLU A 147 -17.96 6.86 -28.92
N ALA A 148 -18.81 6.49 -27.95
CA ALA A 148 -19.13 5.09 -27.63
C ALA A 148 -20.62 5.03 -27.14
N PRO A 149 -21.18 3.81 -27.00
CA PRO A 149 -22.50 3.61 -26.31
C PRO A 149 -22.61 4.34 -24.95
N PHE A 150 -21.50 4.35 -24.18
CA PHE A 150 -21.36 4.73 -22.75
C PHE A 150 -22.59 4.85 -21.84
N ALA A 153 -19.33 0.10 -20.54
CA ALA A 153 -19.38 1.23 -19.63
C ALA A 153 -20.35 0.99 -18.44
N PRO A 154 -21.45 0.19 -18.63
CA PRO A 154 -22.32 -0.05 -17.46
C PRO A 154 -21.57 -0.92 -16.46
N HIS A 155 -21.61 -0.53 -15.20
CA HIS A 155 -20.88 -1.25 -14.19
C HIS A 155 -21.64 -1.01 -12.89
N CYS A 156 -21.15 -1.65 -11.82
CA CYS A 156 -21.63 -1.35 -10.48
C CYS A 156 -20.39 -1.29 -9.61
N ASP A 157 -20.54 -0.63 -8.50
CA ASP A 157 -19.45 -0.49 -7.57
C ASP A 157 -19.78 -1.19 -6.27
N ASP A 158 -18.92 -2.13 -5.89
CA ASP A 158 -19.10 -2.87 -4.66
C ASP A 158 -17.67 -3.22 -4.23
N VAL A 159 -17.34 -2.82 -2.98
CA VAL A 159 -15.99 -2.87 -2.43
C VAL A 159 -15.45 -4.34 -2.48
N SER A 160 -16.36 -5.29 -2.45
CA SER A 160 -15.97 -6.70 -2.56
C SER A 160 -15.71 -7.30 -3.89
N TYR A 161 -16.00 -6.55 -4.94
CA TYR A 161 -15.93 -7.10 -6.28
C TYR A 161 -14.53 -7.07 -6.96
N GLY A 162 -13.56 -7.65 -6.30
CA GLY A 162 -12.25 -7.91 -6.96
C GLY A 162 -12.40 -8.97 -8.04
N ARG A 163 -11.71 -8.75 -9.15
CA ARG A 163 -11.70 -9.79 -10.17
C ARG A 163 -11.02 -11.06 -9.70
N ASP A 164 -9.96 -10.92 -8.92
CA ASP A 164 -9.26 -12.10 -8.38
C ASP A 164 -9.94 -12.51 -7.11
N THR A 165 -10.89 -13.47 -7.20
CA THR A 165 -11.75 -13.76 -6.07
C THR A 165 -10.97 -14.21 -4.88
N VAL A 166 -9.93 -15.03 -5.12
CA VAL A 166 -9.23 -15.63 -3.99
C VAL A 166 -8.37 -14.62 -3.23
N ASN A 167 -7.67 -13.81 -4.00
CA ASN A 167 -6.68 -12.88 -3.43
C ASN A 167 -7.21 -11.50 -3.10
N TRP A 168 -8.43 -11.15 -3.56
CA TRP A 168 -9.04 -9.88 -3.15
C TRP A 168 -9.33 -9.90 -1.61
N PRO A 169 -8.84 -8.94 -0.85
CA PRO A 169 -8.94 -9.14 0.61
C PRO A 169 -10.19 -8.55 1.30
N LEU A 170 -10.99 -7.80 0.57
CA LEU A 170 -12.23 -7.26 1.13
C LEU A 170 -13.37 -8.10 0.67
N LYS A 171 -13.84 -9.02 1.51
CA LYS A 171 -14.68 -10.06 0.97
C LYS A 171 -16.15 -9.79 1.33
N ARG A 172 -16.34 -8.76 2.11
CA ARG A 172 -17.66 -8.42 2.59
C ARG A 172 -18.32 -7.35 1.72
N SER A 173 -19.56 -7.66 1.32
CA SER A 173 -20.37 -6.74 0.51
C SER A 173 -21.28 -5.95 1.40
N PHE A 174 -21.51 -4.67 1.06
CA PHE A 174 -22.39 -3.79 1.82
C PHE A 174 -23.55 -3.45 0.91
N PRO A 175 -24.76 -4.00 1.18
CA PRO A 175 -25.80 -3.81 0.14
C PRO A 175 -26.25 -2.38 -0.07
N ARG A 176 -26.00 -1.49 0.90
CA ARG A 176 -26.33 -0.11 0.74
C ARG A 176 -25.12 0.77 0.42
N GLN A 177 -24.03 0.19 -0.15
CA GLN A 177 -22.85 1.04 -0.49
C GLN A 177 -23.38 2.21 -1.34
N LEU A 178 -22.90 3.44 -1.06
CA LEU A 178 -23.40 4.58 -1.84
C LEU A 178 -22.31 5.13 -2.67
N GLY A 179 -22.64 5.63 -3.87
CA GLY A 179 -21.72 6.53 -4.60
C GLY A 179 -22.23 7.95 -4.35
N GLY A 180 -21.32 8.94 -4.30
CA GLY A 180 -21.74 10.33 -4.10
C GLY A 180 -20.86 11.13 -5.05
N PHE A 181 -21.46 11.90 -6.00
CA PHE A 181 -20.55 12.76 -6.80
C PHE A 181 -21.22 14.10 -7.04
N LEU A 182 -20.40 15.13 -6.90
CA LEU A 182 -20.85 16.52 -7.06
C LEU A 182 -20.45 16.90 -8.51
N THR A 183 -21.41 17.40 -9.29
CA THR A 183 -21.10 17.79 -10.69
C THR A 183 -20.62 19.26 -10.62
N ILE A 184 -19.52 19.48 -11.30
CA ILE A 184 -18.85 20.81 -11.34
C ILE A 184 -19.04 21.48 -12.71
N GLN A 185 -18.77 20.74 -13.79
CA GLN A 185 -18.99 21.17 -15.20
C GLN A 185 -19.76 20.14 -15.99
N GLY A 186 -20.85 20.56 -16.64
CA GLY A 186 -21.68 19.57 -17.36
C GLY A 186 -21.28 19.57 -18.81
N ALA A 187 -21.49 18.45 -19.50
CA ALA A 187 -21.18 18.31 -20.92
C ALA A 187 -22.20 19.14 -21.73
N ASP A 188 -21.79 19.54 -22.94
CA ASP A 188 -22.65 20.34 -23.85
C ASP A 188 -24.00 19.65 -24.11
N ASN A 189 -23.93 18.34 -24.33
CA ASN A 189 -25.13 17.54 -24.57
C ASN A 189 -25.85 17.11 -23.29
N ASP A 190 -25.44 17.67 -22.14
CA ASP A 190 -26.08 17.39 -20.88
C ASP A 190 -26.00 15.89 -20.44
N ALA A 191 -24.86 15.25 -20.72
CA ALA A 191 -24.64 13.82 -20.41
C ALA A 191 -24.96 13.51 -18.96
N GLY A 192 -25.73 12.46 -18.73
CA GLY A 192 -26.05 12.21 -17.32
C GLY A 192 -25.81 10.73 -17.04
N MSE A 193 -26.65 10.14 -16.21
CA MSE A 193 -26.44 8.78 -15.67
C MSE A 193 -27.70 7.98 -15.83
O MSE A 193 -28.80 8.50 -15.52
CB MSE A 193 -26.06 8.87 -14.17
CG MSE A 193 -25.69 7.47 -13.72
SE MSE A 193 -25.18 7.74 -11.78
CE MSE A 193 -26.22 6.39 -11.01
N VAL A 194 -27.57 6.74 -16.25
CA VAL A 194 -28.70 5.84 -16.26
C VAL A 194 -28.41 4.78 -15.13
N MSE A 195 -29.45 4.42 -14.38
CA MSE A 195 -29.29 3.45 -13.29
C MSE A 195 -30.42 2.41 -13.48
O MSE A 195 -31.63 2.80 -13.55
CB MSE A 195 -29.37 4.24 -11.91
CG MSE A 195 -29.38 3.14 -10.89
SE MSE A 195 -29.33 4.09 -9.11
CE MSE A 195 -31.01 4.78 -8.87
N TRP A 196 -30.05 1.10 -13.60
CA TRP A 196 -31.03 0.08 -13.70
C TRP A 196 -31.33 -0.67 -12.42
N ASP A 197 -32.56 -1.23 -12.35
CA ASP A 197 -32.96 -2.12 -11.26
C ASP A 197 -32.42 -3.53 -11.48
N ASN A 198 -31.09 -3.60 -11.42
CA ASN A 198 -30.34 -4.83 -11.69
C ASN A 198 -29.06 -4.78 -10.86
N ARG A 199 -28.83 -5.82 -10.06
CA ARG A 199 -27.58 -5.84 -9.21
C ARG A 199 -26.73 -7.04 -9.43
N PRO A 200 -25.78 -6.94 -10.34
CA PRO A 200 -24.92 -8.07 -10.66
C PRO A 200 -24.28 -8.63 -9.38
N GLU A 201 -24.19 -9.96 -9.26
CA GLU A 201 -23.72 -10.58 -8.03
C GLU A 201 -22.19 -10.61 -7.83
N SER A 202 -21.39 -10.22 -8.83
CA SER A 202 -19.96 -10.40 -8.66
C SER A 202 -19.24 -9.69 -9.77
N ARG A 203 -17.90 -9.57 -9.62
CA ARG A 203 -17.10 -9.01 -10.69
C ARG A 203 -17.19 -9.96 -11.95
N ALA A 204 -17.16 -11.25 -11.78
CA ALA A 204 -17.29 -12.19 -12.88
C ALA A 204 -18.63 -11.94 -13.65
N ALA A 205 -19.73 -11.74 -12.91
CA ALA A 205 -21.01 -11.40 -13.56
C ALA A 205 -20.92 -10.12 -14.35
N LEU A 206 -20.25 -9.07 -13.84
CA LEU A 206 -20.13 -7.83 -14.62
C LEU A 206 -19.28 -8.07 -15.85
N ASP A 207 -18.25 -8.91 -15.65
CA ASP A 207 -17.23 -9.16 -16.69
C ASP A 207 -17.97 -9.91 -17.80
N GLU A 208 -18.89 -10.81 -17.46
CA GLU A 208 -19.65 -11.52 -18.52
C GLU A 208 -20.57 -10.53 -19.24
N MSE A 209 -21.14 -9.59 -18.49
CA MSE A 209 -22.05 -8.63 -19.07
C MSE A 209 -21.34 -7.75 -20.06
O MSE A 209 -21.88 -7.44 -21.13
CB MSE A 209 -22.87 -7.79 -18.08
CG MSE A 209 -23.81 -8.72 -17.32
SE MSE A 209 -24.44 -7.90 -15.58
CE MSE A 209 -24.72 -6.36 -16.52
N HIS A 210 -20.12 -7.35 -19.73
CA HIS A 210 -19.30 -6.62 -20.68
C HIS A 210 -19.07 -7.35 -22.01
N ALA A 211 -18.58 -8.59 -21.92
CA ALA A 211 -18.49 -9.44 -23.11
C ALA A 211 -19.80 -9.58 -23.89
N GLU A 212 -20.97 -9.70 -23.22
CA GLU A 212 -22.26 -9.75 -23.93
C GLU A 212 -22.52 -8.46 -24.67
N TYR A 213 -22.13 -7.34 -24.06
CA TYR A 213 -22.31 -6.02 -24.69
C TYR A 213 -21.50 -5.95 -26.00
N ARG A 214 -20.18 -6.07 -25.91
CA ARG A 214 -19.26 -6.00 -27.07
C ARG A 214 -19.61 -6.95 -28.24
N GLU A 215 -20.18 -8.11 -27.95
CA GLU A 215 -20.54 -9.05 -28.98
C GLU A 215 -21.93 -8.72 -29.58
N THR A 216 -22.85 -8.31 -28.71
CA THR A 216 -24.26 -8.31 -29.07
C THR A 216 -24.81 -6.86 -29.14
N GLY A 217 -23.94 -5.88 -28.85
CA GLY A 217 -24.39 -4.49 -28.73
C GLY A 217 -25.34 -4.24 -27.56
N ALA A 218 -25.94 -5.30 -26.99
CA ALA A 218 -26.87 -5.20 -25.83
C ALA A 218 -26.58 -6.16 -24.62
N ILE A 219 -27.28 -5.85 -23.51
CA ILE A 219 -27.38 -6.69 -22.36
C ILE A 219 -28.83 -7.20 -22.21
N ALA A 220 -29.14 -8.31 -22.85
CA ALA A 220 -30.51 -8.87 -22.84
C ALA A 220 -31.26 -8.85 -21.49
N ALA A 221 -30.56 -9.05 -20.37
CA ALA A 221 -31.18 -9.04 -19.02
C ALA A 221 -31.80 -7.68 -18.60
N LEU A 222 -31.30 -6.61 -19.22
CA LEU A 222 -31.69 -5.22 -18.95
C LEU A 222 -33.04 -4.85 -19.59
N GLU A 223 -33.37 -5.43 -20.75
CA GLU A 223 -34.65 -5.05 -21.36
C GLU A 223 -35.82 -5.36 -20.42
N ARG A 224 -35.59 -6.14 -19.37
CA ARG A 224 -36.60 -6.38 -18.34
C ARG A 224 -36.49 -5.42 -17.11
N ALA A 225 -35.43 -4.62 -17.04
CA ALA A 225 -35.18 -3.86 -15.79
C ALA A 225 -35.66 -2.41 -15.88
N ALA A 226 -36.33 -1.96 -14.83
CA ALA A 226 -36.74 -0.56 -14.70
C ALA A 226 -35.46 0.31 -14.67
N LYS A 227 -35.53 1.50 -15.29
CA LYS A 227 -34.38 2.39 -15.22
C LYS A 227 -34.77 3.79 -14.75
N ILE A 228 -33.83 4.45 -14.06
CA ILE A 228 -33.94 5.85 -13.65
C ILE A 228 -32.91 6.57 -14.46
N MSE A 229 -33.36 7.55 -15.29
CA MSE A 229 -32.40 8.45 -15.97
CA MSE A 229 -32.42 8.45 -15.96
C MSE A 229 -32.22 9.76 -15.21
O MSE A 229 -33.16 10.43 -14.87
CB MSE A 229 -32.78 8.65 -17.47
CB MSE A 229 -32.96 8.72 -17.39
CG MSE A 229 -32.55 7.34 -18.23
CG MSE A 229 -32.43 10.04 -17.89
SE MSE A 229 -33.25 7.50 -20.06
SE MSE A 229 -30.63 9.83 -18.61
CE MSE A 229 -32.44 9.26 -20.47
CE MSE A 229 -31.13 9.03 -20.33
N LEU A 230 -30.95 10.11 -14.91
CA LEU A 230 -30.63 11.28 -14.12
C LEU A 230 -29.78 12.21 -15.01
N LYS A 231 -29.99 13.52 -14.89
CA LYS A 231 -29.14 14.49 -15.58
C LYS A 231 -28.68 15.50 -14.53
N PRO A 232 -27.73 15.12 -13.68
CA PRO A 232 -27.33 16.03 -12.59
C PRO A 232 -26.65 17.27 -13.24
N GLN A 233 -26.92 18.42 -12.67
CA GLN A 233 -26.43 19.71 -13.19
C GLN A 233 -25.30 20.21 -12.34
N PRO A 234 -24.45 21.09 -12.92
CA PRO A 234 -23.51 21.80 -12.00
C PRO A 234 -24.10 22.27 -10.66
N GLY A 235 -23.44 21.86 -9.55
CA GLY A 235 -23.81 22.28 -8.21
C GLY A 235 -24.64 21.19 -7.54
N GLN A 236 -25.09 20.21 -8.32
CA GLN A 236 -25.90 19.07 -7.74
C GLN A 236 -25.02 17.91 -7.26
N LEU A 237 -25.40 17.35 -6.11
CA LEU A 237 -24.73 16.16 -5.56
C LEU A 237 -25.70 15.01 -5.82
N THR A 238 -25.19 13.96 -6.43
CA THR A 238 -26.00 12.79 -6.69
C THR A 238 -25.53 11.66 -5.73
N LEU A 239 -26.46 11.10 -4.96
CA LEU A 239 -26.16 10.04 -3.99
C LEU A 239 -27.00 8.84 -4.44
N PHE A 240 -26.38 7.67 -4.62
CA PHE A 240 -27.14 6.58 -5.10
C PHE A 240 -26.61 5.24 -4.60
N GLN A 241 -27.47 4.22 -4.74
CA GLN A 241 -27.01 2.88 -4.31
C GLN A 241 -26.11 2.30 -5.39
N SER A 242 -24.80 2.16 -5.10
CA SER A 242 -23.88 1.92 -6.21
C SER A 242 -23.84 0.45 -6.68
N LYS A 243 -24.51 -0.47 -5.93
CA LYS A 243 -24.61 -1.85 -6.43
C LYS A 243 -25.54 -2.02 -7.68
N ASN A 244 -26.46 -1.06 -7.86
CA ASN A 244 -27.34 -1.05 -9.06
C ASN A 244 -26.46 -0.75 -10.24
N LEU A 245 -26.65 -1.54 -11.30
CA LEU A 245 -25.97 -1.24 -12.57
C LEU A 245 -26.22 0.23 -13.00
N HIS A 246 -25.16 0.90 -13.48
CA HIS A 246 -25.36 2.26 -14.02
C HIS A 246 -24.31 2.66 -15.00
N ALA A 247 -24.51 3.79 -15.70
CA ALA A 247 -23.54 4.12 -16.78
C ALA A 247 -23.65 5.58 -16.99
N ILE A 248 -22.56 6.24 -17.35
CA ILE A 248 -22.59 7.70 -17.65
C ILE A 248 -22.73 7.80 -19.22
N GLU A 249 -23.63 8.66 -19.70
CA GLU A 249 -23.87 8.76 -21.13
C GLU A 249 -22.63 9.35 -21.82
N ARG A 250 -22.39 8.95 -23.07
CA ARG A 250 -21.49 9.71 -23.95
C ARG A 250 -21.51 11.25 -23.69
N CYS A 251 -20.36 11.88 -23.47
CA CYS A 251 -20.32 13.36 -23.35
C CYS A 251 -19.87 13.96 -24.69
N THR A 252 -20.40 15.12 -25.02
CA THR A 252 -19.98 15.86 -26.24
C THR A 252 -18.91 16.87 -25.93
N SER A 253 -18.83 17.31 -24.66
CA SER A 253 -17.70 18.16 -24.25
C SER A 253 -17.30 17.80 -22.82
N THR A 254 -16.30 18.49 -22.30
CA THR A 254 -15.79 18.17 -20.97
C THR A 254 -16.85 18.24 -19.84
N ARG A 255 -16.86 17.14 -19.05
CA ARG A 255 -17.72 17.04 -17.84
C ARG A 255 -16.73 16.93 -16.66
N ARG A 256 -16.92 17.71 -15.61
CA ARG A 256 -16.11 17.50 -14.41
C ARG A 256 -16.98 17.18 -13.20
N THR A 257 -16.57 16.16 -12.43
CA THR A 257 -17.24 15.79 -11.16
C THR A 257 -16.17 15.51 -10.10
N MSE A 258 -16.58 15.47 -8.83
CA MSE A 258 -15.73 15.06 -7.76
C MSE A 258 -16.50 13.96 -7.08
O MSE A 258 -17.70 14.16 -6.84
CB MSE A 258 -15.96 16.31 -6.80
CG MSE A 258 -14.89 16.59 -5.87
SE MSE A 258 -15.39 18.48 -5.45
CE MSE A 258 -14.69 19.20 -6.99
N GLY A 259 -15.92 12.82 -6.75
CA GLY A 259 -16.78 11.80 -6.05
C GLY A 259 -16.07 10.88 -5.04
N LEU A 260 -16.86 10.15 -4.29
CA LEU A 260 -16.33 9.10 -3.46
C LEU A 260 -17.45 8.05 -3.28
N PHE A 261 -17.15 7.05 -2.46
CA PHE A 261 -18.15 6.07 -2.06
C PHE A 261 -18.19 6.02 -0.53
N LEU A 262 -19.33 5.54 -0.04
CA LEU A 262 -19.55 5.39 1.40
C LEU A 262 -20.03 3.99 1.73
N ILE A 263 -19.52 3.40 2.81
CA ILE A 263 -20.15 2.24 3.41
C ILE A 263 -20.39 2.47 4.90
N HIS A 264 -21.45 1.88 5.41
CA HIS A 264 -21.76 2.09 6.82
C HIS A 264 -21.25 0.90 7.60
N THR A 265 -20.11 1.07 8.26
CA THR A 265 -19.54 -0.05 9.02
C THR A 265 -19.92 -0.01 10.48
N GLU A 266 -19.68 -1.15 11.18
CA GLU A 266 -19.86 -1.26 12.62
C GLU A 266 -19.24 -0.06 13.35
N ASP A 267 -18.19 0.55 12.81
CA ASP A 267 -17.50 1.67 13.49
C ASP A 267 -17.90 3.08 13.02
N GLY A 268 -18.81 3.11 12.06
CA GLY A 268 -19.35 4.37 11.58
C GLY A 268 -19.22 4.37 10.05
N TRP A 269 -19.60 5.48 9.49
CA TRP A 269 -19.52 5.73 8.04
C TRP A 269 -18.11 5.88 7.60
N ARG A 270 -17.75 5.21 6.52
CA ARG A 270 -16.41 5.26 6.01
C ARG A 270 -16.43 5.68 4.50
N MSE A 271 -15.43 6.45 4.08
CA MSE A 271 -15.34 7.03 2.73
C MSE A 271 -14.13 6.42 2.02
O MSE A 271 -13.08 6.19 2.62
CB MSE A 271 -14.98 8.53 2.79
CG MSE A 271 -16.16 9.29 3.45
SE MSE A 271 -15.64 11.17 3.76
CE MSE A 271 -14.44 10.81 5.31
N PHE A 272 -14.28 6.17 0.73
CA PHE A 272 -13.18 5.71 -0.06
C PHE A 272 -13.48 5.95 -1.53
N ASP A 273 -12.41 5.92 -2.34
CA ASP A 273 -12.54 5.89 -3.79
C ASP A 273 -11.42 5.03 -4.41
N MSE B 1 35.26 14.75 1.64
CA MSE B 1 36.16 13.78 2.34
C MSE B 1 35.15 13.07 3.24
O MSE B 1 34.42 13.68 4.04
CB MSE B 1 37.40 14.43 3.05
CG MSE B 1 38.80 14.42 2.34
SE MSE B 1 38.59 13.40 0.66
CE MSE B 1 40.10 12.20 0.38
N GLN B 2 35.05 11.75 3.08
CA GLN B 2 34.11 10.94 3.88
C GLN B 2 34.81 10.31 5.13
N HIS B 3 34.02 9.95 6.12
CA HIS B 3 34.62 9.35 7.36
C HIS B 3 35.27 8.04 7.08
N THR B 4 36.34 7.73 7.83
CA THR B 4 36.99 6.47 7.68
C THR B 4 37.01 5.78 9.07
N TYR B 5 36.85 4.46 9.03
CA TYR B 5 36.65 3.64 10.23
C TYR B 5 37.41 2.30 10.23
N PRO B 6 37.75 1.77 11.45
CA PRO B 6 38.34 0.43 11.57
C PRO B 6 37.36 -0.61 10.99
N ALA B 7 37.85 -1.55 10.21
CA ALA B 7 36.93 -2.55 9.63
C ALA B 7 37.61 -3.89 9.74
N GLN B 8 36.83 -4.93 10.08
CA GLN B 8 37.33 -6.29 9.95
C GLN B 8 36.62 -6.92 8.76
N LEU B 9 37.37 -7.54 7.90
CA LEU B 9 36.81 -8.09 6.66
C LEU B 9 36.89 -9.61 6.67
N MSE B 10 35.75 -10.29 6.69
CA MSE B 10 35.74 -11.80 6.77
C MSE B 10 35.34 -12.46 5.50
O MSE B 10 34.47 -11.92 4.69
CB MSE B 10 34.69 -12.17 7.85
CG MSE B 10 34.93 -11.88 9.31
SE MSE B 10 34.64 -9.96 9.63
CE MSE B 10 34.49 -10.29 11.62
N ARG B 11 35.91 -13.67 5.27
CA ARG B 11 35.63 -14.43 4.09
C ARG B 11 35.76 -15.90 4.51
N PHE B 12 34.83 -16.73 4.08
CA PHE B 12 34.84 -18.13 4.40
C PHE B 12 36.21 -18.72 4.16
N GLY B 13 36.70 -19.42 5.17
CA GLY B 13 37.95 -20.18 5.11
C GLY B 13 39.21 -19.33 5.04
N THR B 14 39.11 -17.99 5.04
CA THR B 14 40.33 -17.20 4.88
C THR B 14 40.58 -16.38 6.10
N ALA B 15 41.81 -15.89 6.30
CA ALA B 15 42.06 -15.13 7.52
C ALA B 15 41.27 -13.78 7.53
N ALA B 16 40.71 -13.41 8.69
CA ALA B 16 40.01 -12.12 8.90
C ALA B 16 41.05 -11.04 8.60
N ARG B 17 40.67 -10.00 7.84
CA ARG B 17 41.63 -8.96 7.44
C ARG B 17 41.31 -7.71 8.26
N ALA B 18 42.30 -6.91 8.59
CA ALA B 18 42.02 -5.70 9.41
C ALA B 18 42.33 -4.56 8.45
N GLU B 19 41.33 -3.74 8.16
CA GLU B 19 41.48 -2.65 7.19
C GLU B 19 40.89 -1.39 7.85
N HIS B 20 40.96 -0.27 7.13
CA HIS B 20 40.43 0.97 7.60
C HIS B 20 39.89 1.67 6.39
N MSE B 21 38.56 1.89 6.37
CA MSE B 21 37.83 2.16 5.12
C MSE B 21 36.68 3.09 5.36
O MSE B 21 36.16 3.24 6.50
CB MSE B 21 36.99 0.82 4.90
CG MSE B 21 37.89 -0.37 4.99
SE MSE B 21 36.89 -1.97 4.44
CE MSE B 21 36.74 -1.16 2.77
N THR B 22 36.23 3.65 4.24
CA THR B 22 34.96 4.39 4.26
C THR B 22 33.81 3.37 4.23
N ILE B 23 32.62 3.81 4.60
CA ILE B 23 31.43 2.95 4.42
C ILE B 23 31.24 2.56 2.93
N ALA B 24 31.41 3.52 2.03
CA ALA B 24 31.28 3.22 0.59
C ALA B 24 32.30 2.10 0.18
N ALA B 25 33.54 2.20 0.61
CA ALA B 25 34.53 1.20 0.23
C ALA B 25 34.20 -0.22 0.74
N ALA B 26 33.65 -0.29 1.96
CA ALA B 26 33.22 -1.59 2.59
C ALA B 26 32.10 -2.17 1.71
N ILE B 27 31.10 -1.32 1.39
CA ILE B 27 29.95 -1.80 0.59
C ILE B 27 30.41 -2.28 -0.74
N HIS B 28 31.28 -1.49 -1.37
CA HIS B 28 31.82 -1.94 -2.68
C HIS B 28 32.67 -3.17 -2.66
N ALA B 29 33.38 -3.43 -1.56
CA ALA B 29 34.11 -4.69 -1.38
C ALA B 29 33.18 -5.85 -1.33
N LEU B 30 32.05 -5.70 -0.58
CA LEU B 30 31.03 -6.80 -0.54
C LEU B 30 30.42 -6.98 -1.92
N ASP B 31 30.09 -5.87 -2.57
CA ASP B 31 29.37 -5.90 -3.84
C ASP B 31 30.26 -6.49 -4.97
N ALA B 32 31.57 -6.48 -4.77
CA ALA B 32 32.56 -7.13 -5.68
C ALA B 32 32.84 -8.57 -5.29
N ASP B 33 32.08 -9.07 -4.30
CA ASP B 33 32.23 -10.43 -3.82
C ASP B 33 33.67 -10.73 -3.29
N GLU B 34 34.25 -9.70 -2.68
CA GLU B 34 35.58 -9.80 -2.12
C GLU B 34 35.52 -9.84 -0.58
N ALA B 35 34.30 -9.93 -0.01
CA ALA B 35 34.14 -10.17 1.46
C ALA B 35 32.75 -10.83 1.60
N ASP B 36 32.58 -11.62 2.66
CA ASP B 36 31.25 -12.15 3.01
C ASP B 36 30.60 -11.38 4.10
N ALA B 37 31.41 -10.82 5.00
CA ALA B 37 30.94 -9.80 5.92
C ALA B 37 32.04 -8.84 6.30
N ILE B 38 31.64 -7.65 6.75
CA ILE B 38 32.56 -6.63 7.22
C ILE B 38 31.95 -6.06 8.49
N VAL B 39 32.75 -5.92 9.55
CA VAL B 39 32.29 -5.29 10.76
C VAL B 39 33.13 -4.06 11.03
N MSE B 40 32.46 -2.94 11.18
CA MSE B 40 33.16 -1.66 11.27
C MSE B 40 32.80 -0.95 12.57
O MSE B 40 31.63 -0.98 13.06
CB MSE B 40 32.59 -0.78 10.11
CG MSE B 40 32.74 -1.49 8.76
SE MSE B 40 32.13 -0.25 7.33
CE MSE B 40 33.56 1.08 7.52
N ASP B 41 33.80 -0.23 13.11
CA ASP B 41 33.56 0.56 14.32
C ASP B 41 33.10 1.92 13.91
N ILE B 42 31.80 2.18 14.10
CA ILE B 42 31.19 3.46 13.61
C ILE B 42 30.95 4.50 14.66
N VAL B 43 30.35 4.14 15.77
CA VAL B 43 29.84 5.16 16.68
C VAL B 43 30.63 5.09 18.01
N PRO B 44 31.25 6.23 18.41
CA PRO B 44 32.03 6.30 19.64
C PRO B 44 31.20 6.00 20.87
N ASP B 45 31.82 5.40 21.89
CA ASP B 45 31.09 4.94 23.06
C ASP B 45 30.13 5.96 23.68
N GLY B 46 30.51 7.21 23.77
CA GLY B 46 29.49 8.18 24.30
C GLY B 46 28.22 8.53 23.50
N GLU B 47 28.08 7.98 22.29
CA GLU B 47 27.15 8.52 21.29
C GLU B 47 26.05 7.54 20.79
N ARG B 48 26.06 6.29 21.27
CA ARG B 48 25.15 5.23 20.81
C ARG B 48 23.69 5.47 21.10
N ASP B 49 23.33 5.83 22.34
CA ASP B 49 21.91 6.18 22.59
C ASP B 49 21.34 7.31 21.70
N ALA B 50 22.17 8.26 21.33
CA ALA B 50 21.68 9.35 20.50
C ALA B 50 21.31 8.81 19.12
N TRP B 51 22.00 7.77 18.66
CA TRP B 51 21.60 7.20 17.34
C TRP B 51 20.27 6.53 17.47
N TRP B 52 20.01 5.89 18.62
CA TRP B 52 18.76 5.17 18.86
C TRP B 52 17.63 6.14 19.03
N ASP B 53 17.95 7.25 19.66
CA ASP B 53 16.94 8.26 19.98
C ASP B 53 16.72 9.32 18.92
N ASP B 54 17.36 9.16 17.76
CA ASP B 54 17.20 10.13 16.65
C ASP B 54 15.74 10.40 16.43
N GLU B 55 15.40 11.67 16.27
CA GLU B 55 13.99 12.04 16.16
C GLU B 55 13.32 11.43 14.93
N GLY B 56 14.13 11.07 13.95
CA GLY B 56 13.58 10.49 12.70
C GLY B 56 12.90 9.13 12.89
N PHE B 57 13.16 8.45 14.02
CA PHE B 57 12.49 7.21 14.39
C PHE B 57 11.20 7.40 15.15
N SER B 58 10.91 8.62 15.58
CA SER B 58 9.64 8.91 16.24
C SER B 58 8.50 8.50 15.28
N SER B 59 7.82 7.41 15.63
CA SER B 59 6.60 6.92 14.95
C SER B 59 6.02 5.73 15.71
N SER B 75 6.56 -1.53 11.68
CA SER B 75 6.83 -2.80 12.36
C SER B 75 6.46 -4.00 11.49
N VAL B 76 5.84 -3.75 10.34
CA VAL B 76 5.78 -4.78 9.32
C VAL B 76 7.05 -4.68 8.50
N THR B 77 7.77 -5.78 8.45
CA THR B 77 8.99 -5.87 7.63
C THR B 77 8.72 -6.62 6.34
N LEU B 78 9.69 -6.48 5.41
CA LEU B 78 9.59 -7.15 4.12
C LEU B 78 9.67 -8.65 4.38
N GLY B 79 10.45 -9.04 5.40
CA GLY B 79 10.63 -10.46 5.65
C GLY B 79 9.33 -11.10 6.10
N GLN B 80 8.60 -10.35 6.89
CA GLN B 80 7.27 -10.72 7.38
C GLN B 80 6.27 -10.76 6.19
N LEU B 81 6.31 -9.74 5.33
CA LEU B 81 5.43 -9.69 4.19
C LEU B 81 5.63 -10.90 3.29
N GLN B 82 6.86 -11.33 3.13
CA GLN B 82 7.19 -12.52 2.34
C GLN B 82 6.53 -13.84 2.76
N ARG B 83 6.23 -13.95 4.05
CA ARG B 83 5.67 -15.14 4.61
C ARG B 83 4.16 -15.19 4.42
N GLU B 84 3.52 -14.08 4.05
CA GLU B 84 2.07 -14.07 3.81
C GLU B 84 1.69 -14.66 2.43
N GLN B 85 0.45 -15.16 2.33
CA GLN B 85 0.01 -15.84 1.13
C GLN B 85 -1.41 -15.40 0.78
N GLY B 86 -1.69 -15.32 -0.52
CA GLY B 86 -3.05 -15.11 -1.01
C GLY B 86 -3.60 -13.76 -0.59
N ASP B 87 -4.88 -13.71 -0.19
CA ASP B 87 -5.44 -12.42 0.25
C ASP B 87 -4.72 -11.75 1.41
N LYS B 88 -4.08 -12.52 2.25
CA LYS B 88 -3.37 -11.92 3.39
C LYS B 88 -2.13 -11.20 2.97
N LEU B 89 -1.56 -11.67 1.85
CA LEU B 89 -0.42 -10.99 1.20
C LEU B 89 -0.87 -9.63 0.68
N VAL B 90 -2.06 -9.56 0.09
CA VAL B 90 -2.49 -8.28 -0.45
C VAL B 90 -2.78 -7.34 0.70
N SER B 91 -3.47 -7.85 1.73
CA SER B 91 -3.78 -7.05 2.89
C SER B 91 -2.51 -6.58 3.63
N LYS B 92 -1.53 -7.51 3.76
CA LYS B 92 -0.29 -7.18 4.57
C LYS B 92 0.54 -6.25 3.74
N ALA B 93 0.42 -6.34 2.41
CA ALA B 93 1.18 -5.40 1.56
C ALA B 93 0.59 -3.99 1.73
N ALA B 94 -0.75 -3.89 1.71
CA ALA B 94 -1.40 -2.59 1.95
C ALA B 94 -0.88 -1.97 3.23
N GLU B 95 -0.80 -2.76 4.31
CA GLU B 95 -0.26 -2.26 5.61
C GLU B 95 1.21 -1.81 5.47
N TYR B 96 2.01 -2.62 4.78
CA TYR B 96 3.46 -2.36 4.73
C TYR B 96 3.74 -1.05 4.01
N PHE B 97 3.15 -0.90 2.80
CA PHE B 97 3.37 0.30 2.03
C PHE B 97 2.71 1.50 2.59
N GLY B 98 1.55 1.28 3.19
CA GLY B 98 0.92 2.39 3.93
C GLY B 98 1.71 2.93 5.11
N ILE B 99 2.30 2.04 5.89
CA ILE B 99 3.23 2.44 6.97
C ILE B 99 4.47 3.11 6.41
N ALA B 100 5.04 2.56 5.32
CA ALA B 100 6.28 3.17 4.81
C ALA B 100 6.07 4.64 4.39
N CYS B 101 4.93 4.88 3.77
CA CYS B 101 4.51 6.23 3.38
C CYS B 101 4.47 7.12 4.65
N ARG B 102 3.97 6.59 5.77
CA ARG B 102 3.84 7.34 7.03
C ARG B 102 5.22 7.71 7.61
N VAL B 103 6.14 6.77 7.58
CA VAL B 103 7.33 6.89 8.43
C VAL B 103 8.63 7.25 7.69
N ASN B 104 8.72 7.03 6.37
CA ASN B 104 10.02 7.12 5.69
C ASN B 104 10.53 8.55 5.69
N ASP B 105 9.65 9.57 5.63
CA ASP B 105 10.18 10.96 5.65
C ASP B 105 11.06 11.23 6.89
N GLY B 106 10.59 10.79 8.09
CA GLY B 106 11.43 10.78 9.35
C GLY B 106 12.65 9.92 9.19
N LEU B 107 12.47 8.68 8.71
CA LEU B 107 13.62 7.75 8.64
C LEU B 107 14.77 8.25 7.78
N ARG B 108 14.45 8.94 6.69
CA ARG B 108 15.45 9.59 5.85
C ARG B 108 16.38 10.53 6.60
N THR B 109 15.96 11.04 7.74
CA THR B 109 16.77 12.06 8.45
C THR B 109 17.64 11.45 9.53
N THR B 110 17.46 10.16 9.83
CA THR B 110 18.21 9.50 10.88
C THR B 110 19.65 9.39 10.49
N ARG B 111 20.54 9.47 11.49
CA ARG B 111 21.99 9.22 11.21
C ARG B 111 22.22 7.85 10.57
N PHE B 112 21.42 6.88 10.99
CA PHE B 112 21.57 5.51 10.47
C PHE B 112 21.26 5.43 9.00
N VAL B 113 20.13 5.96 8.56
CA VAL B 113 19.85 5.86 7.14
C VAL B 113 20.82 6.70 6.39
N ARG B 114 21.20 7.84 6.97
CA ARG B 114 22.09 8.74 6.25
C ARG B 114 23.51 8.15 6.03
N LEU B 115 23.94 7.20 6.86
CA LEU B 115 25.18 6.53 6.59
C LEU B 115 25.19 6.01 5.15
N PHE B 116 24.07 5.44 4.71
CA PHE B 116 24.02 4.85 3.41
C PHE B 116 23.64 5.77 2.29
N SER B 117 22.67 6.63 2.56
CA SER B 117 22.30 7.60 1.49
C SER B 117 23.49 8.53 1.22
N ASP B 118 24.22 8.95 2.26
CA ASP B 118 25.46 9.73 2.00
C ASP B 118 26.53 8.92 1.29
N ALA B 119 26.73 7.64 1.68
CA ALA B 119 27.87 6.91 1.19
C ALA B 119 27.66 6.47 -0.27
N LEU B 120 26.41 6.18 -0.65
CA LEU B 120 26.15 5.44 -1.85
C LEU B 120 25.20 6.20 -2.75
N ASP B 121 24.70 7.36 -2.27
CA ASP B 121 23.53 8.03 -2.90
C ASP B 121 22.38 7.00 -2.92
N ALA B 122 22.30 6.14 -1.87
CA ALA B 122 21.17 5.22 -1.82
C ALA B 122 19.87 5.97 -1.66
N LYS B 123 18.79 5.30 -2.09
CA LYS B 123 17.42 5.84 -1.99
C LYS B 123 16.53 4.64 -1.55
N PRO B 124 15.33 4.89 -0.97
CA PRO B 124 14.40 3.76 -0.74
C PRO B 124 14.08 3.05 -2.01
N LEU B 125 14.05 1.71 -1.92
CA LEU B 125 13.54 0.89 -2.98
C LEU B 125 12.11 1.32 -3.30
N THR B 126 11.73 1.29 -4.59
CA THR B 126 10.39 1.66 -4.98
C THR B 126 9.73 0.54 -5.79
N ILE B 127 8.41 0.55 -5.79
CA ILE B 127 7.69 -0.39 -6.65
C ILE B 127 6.59 0.44 -7.31
N GLY B 128 6.16 0.01 -8.52
CA GLY B 128 4.97 0.59 -9.17
C GLY B 128 5.11 0.87 -10.66
N ASP B 130 3.87 3.26 -12.65
CA ASP B 130 2.85 4.23 -12.98
C ASP B 130 2.85 5.35 -11.93
N TYR B 131 2.86 4.98 -10.64
CA TYR B 131 3.34 5.85 -9.52
C TYR B 131 4.36 5.04 -8.75
N GLU B 132 5.43 5.68 -8.30
CA GLU B 132 6.44 4.93 -7.53
C GLU B 132 6.19 5.10 -6.03
N VAL B 133 6.09 4.01 -5.30
CA VAL B 133 5.89 4.17 -3.84
C VAL B 133 7.06 3.50 -3.13
N GLU B 134 7.31 3.95 -1.92
CA GLU B 134 8.56 3.44 -1.22
C GLU B 134 8.30 2.20 -0.36
N PHE B 135 9.28 1.28 -0.36
CA PHE B 135 9.38 0.30 0.69
C PHE B 135 9.84 0.98 1.98
N LEU B 136 9.58 0.32 3.08
CA LEU B 136 10.04 0.76 4.39
C LEU B 136 11.58 0.88 4.43
N LEU B 137 12.08 1.96 5.00
CA LEU B 137 13.56 2.22 4.91
C LEU B 137 14.40 1.36 5.88
N ALA B 138 13.96 1.22 7.14
CA ALA B 138 14.84 0.65 8.19
C ALA B 138 13.96 0.41 9.41
N THR B 139 14.49 -0.37 10.34
CA THR B 139 13.73 -0.63 11.61
C THR B 139 14.68 -0.65 12.75
N ARG B 140 14.17 -0.23 13.91
CA ARG B 140 14.89 -0.43 15.18
C ARG B 140 14.33 -1.72 15.75
N ARG B 141 15.20 -2.55 16.27
CA ARG B 141 14.85 -3.90 16.68
C ARG B 141 15.28 -4.05 18.15
N VAL B 142 14.38 -4.57 18.99
CA VAL B 142 14.69 -4.90 20.38
C VAL B 142 14.50 -6.41 20.59
N TYR B 143 15.57 -7.07 21.03
CA TYR B 143 15.62 -8.51 21.35
C TYR B 143 15.64 -8.68 22.88
N GLU B 144 14.62 -9.34 23.42
CA GLU B 144 14.53 -9.56 24.88
C GLU B 144 14.84 -11.01 25.23
N PRO B 145 15.66 -11.26 26.29
CA PRO B 145 16.11 -12.60 26.67
C PRO B 145 15.16 -13.75 26.28
N ALA B 153 16.49 -20.95 14.28
CA ALA B 153 16.24 -21.36 12.91
C ALA B 153 16.97 -20.39 11.95
N PRO B 154 17.91 -20.91 11.20
CA PRO B 154 18.79 -20.14 10.33
C PRO B 154 17.99 -19.69 9.12
N HIS B 155 18.34 -18.54 8.59
CA HIS B 155 17.56 -18.07 7.47
C HIS B 155 18.45 -17.29 6.57
N CYS B 156 17.89 -16.85 5.45
CA CYS B 156 18.64 -15.98 4.54
C CYS B 156 17.64 -14.98 4.02
N ASP B 157 18.14 -13.87 3.53
CA ASP B 157 17.24 -12.81 3.03
C ASP B 157 17.55 -12.54 1.60
N ASP B 158 16.49 -12.59 0.79
CA ASP B 158 16.58 -12.20 -0.62
C ASP B 158 15.25 -11.59 -0.95
N VAL B 159 15.31 -10.38 -1.49
CA VAL B 159 14.09 -9.66 -1.82
C VAL B 159 13.06 -10.46 -2.65
N SER B 160 13.55 -11.43 -3.43
CA SER B 160 12.68 -12.18 -4.31
C SER B 160 12.02 -13.41 -3.70
N TYR B 161 12.37 -13.77 -2.48
CA TYR B 161 11.93 -15.03 -1.81
C TYR B 161 10.58 -14.91 -1.05
N GLY B 162 9.57 -14.49 -1.77
CA GLY B 162 8.23 -14.51 -1.15
C GLY B 162 7.84 -15.98 -1.17
N ARG B 163 7.07 -16.34 -0.16
CA ARG B 163 6.57 -17.74 -0.07
C ARG B 163 5.53 -17.99 -1.15
N ASP B 164 4.65 -17.02 -1.35
CA ASP B 164 3.63 -17.14 -2.36
C ASP B 164 4.20 -16.74 -3.71
N THR B 165 4.92 -17.68 -4.38
CA THR B 165 5.74 -17.26 -5.51
C THR B 165 4.95 -16.74 -6.68
N VAL B 166 3.80 -17.32 -6.96
CA VAL B 166 3.05 -16.79 -8.12
C VAL B 166 2.59 -15.31 -7.86
N ASN B 167 2.28 -14.98 -6.61
CA ASN B 167 1.76 -13.66 -6.30
C ASN B 167 2.84 -12.69 -5.78
N TRP B 168 4.08 -13.13 -5.68
CA TRP B 168 5.13 -12.23 -5.14
C TRP B 168 5.64 -11.39 -6.28
N PRO B 169 5.62 -10.04 -6.18
CA PRO B 169 5.88 -9.26 -7.40
C PRO B 169 7.36 -8.97 -7.69
N LEU B 170 8.25 -9.27 -6.73
CA LEU B 170 9.67 -8.94 -6.97
C LEU B 170 10.32 -10.24 -7.39
N LYS B 171 10.62 -10.33 -8.69
CA LYS B 171 11.15 -11.59 -9.22
C LYS B 171 12.65 -11.66 -9.34
N ARG B 172 13.35 -10.53 -9.27
CA ARG B 172 14.83 -10.59 -9.52
C ARG B 172 15.56 -10.84 -8.21
N SER B 173 16.52 -11.82 -8.16
CA SER B 173 17.38 -12.05 -7.02
C SER B 173 18.65 -11.28 -7.31
N PHE B 174 19.13 -10.57 -6.28
CA PHE B 174 20.42 -9.86 -6.38
C PHE B 174 21.46 -10.64 -5.61
N PRO B 175 22.44 -11.27 -6.30
CA PRO B 175 23.34 -12.15 -5.54
C PRO B 175 24.12 -11.46 -4.41
N ARG B 176 24.39 -10.15 -4.57
CA ARG B 176 25.16 -9.45 -3.52
C ARG B 176 24.24 -8.68 -2.59
N GLN B 177 22.95 -9.06 -2.44
CA GLN B 177 22.08 -8.33 -1.46
C GLN B 177 22.75 -8.27 -0.10
N LEU B 178 22.76 -7.06 0.49
CA LEU B 178 23.45 -6.95 1.78
C LEU B 178 22.45 -6.73 2.89
N GLY B 179 22.76 -7.26 4.05
CA GLY B 179 22.10 -6.74 5.26
C GLY B 179 23.10 -5.82 5.98
N GLY B 180 22.58 -4.80 6.64
CA GLY B 180 23.42 -3.87 7.41
C GLY B 180 22.74 -3.55 8.73
N PHE B 181 23.39 -3.87 9.87
CA PHE B 181 22.78 -3.48 11.15
C PHE B 181 23.79 -2.84 12.07
N LEU B 182 23.41 -1.76 12.72
CA LEU B 182 24.27 -1.11 13.70
C LEU B 182 23.82 -1.65 15.07
N THR B 183 24.77 -2.15 15.83
CA THR B 183 24.44 -2.69 17.20
C THR B 183 24.51 -1.53 18.20
N ILE B 184 23.44 -1.34 18.98
CA ILE B 184 23.40 -0.23 19.94
C ILE B 184 23.65 -0.73 21.36
N GLN B 185 23.02 -1.85 21.70
CA GLN B 185 23.18 -2.46 23.07
C GLN B 185 23.39 -3.96 22.91
N GLY B 186 24.47 -4.45 23.48
CA GLY B 186 24.86 -5.88 23.29
C GLY B 186 24.36 -6.75 24.46
N ALA B 187 24.16 -8.06 24.20
CA ALA B 187 23.78 -8.98 25.29
C ALA B 187 25.00 -9.25 26.17
N ASP B 188 24.70 -9.55 27.41
CA ASP B 188 25.72 -9.80 28.42
C ASP B 188 26.59 -10.96 28.05
N ASN B 189 26.01 -11.97 27.39
CA ASN B 189 26.78 -13.17 27.01
C ASN B 189 27.47 -12.96 25.69
N ASP B 190 27.40 -11.72 25.18
CA ASP B 190 28.15 -11.30 24.03
C ASP B 190 27.67 -12.08 22.79
N ALA B 191 26.34 -12.29 22.74
CA ALA B 191 25.69 -13.09 21.70
C ALA B 191 25.96 -12.43 20.36
N GLY B 192 26.41 -13.21 19.39
CA GLY B 192 26.76 -12.69 18.03
C GLY B 192 25.94 -13.31 16.90
N MSE B 193 26.62 -13.62 15.78
CA MSE B 193 25.91 -14.06 14.56
C MSE B 193 26.74 -15.08 13.84
O MSE B 193 27.92 -14.82 13.59
CB MSE B 193 25.72 -12.86 13.59
CG MSE B 193 24.97 -13.34 12.37
SE MSE B 193 24.46 -11.69 11.29
CE MSE B 193 24.96 -12.40 9.58
N VAL B 194 26.16 -16.23 13.46
CA VAL B 194 26.89 -17.18 12.65
C VAL B 194 26.44 -17.18 11.14
N MSE B 195 27.38 -17.23 10.20
CA MSE B 195 27.02 -17.33 8.76
C MSE B 195 27.63 -18.59 8.20
O MSE B 195 28.78 -18.94 8.50
CB MSE B 195 27.52 -16.13 7.90
CG MSE B 195 27.15 -14.77 8.36
SE MSE B 195 28.20 -13.61 7.09
CE MSE B 195 27.36 -14.11 5.68
N TRP B 196 26.87 -19.30 7.39
CA TRP B 196 27.37 -20.50 6.70
C TRP B 196 27.50 -20.24 5.24
N ASP B 197 28.48 -20.90 4.62
CA ASP B 197 28.66 -20.88 3.18
C ASP B 197 27.63 -21.75 2.52
N ASN B 198 26.40 -21.25 2.49
CA ASN B 198 25.30 -22.05 1.97
C ASN B 198 24.21 -21.04 1.60
N ARG B 199 23.76 -21.12 0.37
CA ARG B 199 22.81 -20.11 -0.17
C ARG B 199 21.57 -20.80 -0.70
N PRO B 200 20.56 -20.92 0.14
CA PRO B 200 19.29 -21.58 -0.31
C PRO B 200 18.71 -20.82 -1.51
N GLU B 201 18.13 -21.57 -2.47
CA GLU B 201 17.78 -21.07 -3.80
C GLU B 201 16.43 -20.41 -3.95
N SER B 202 15.59 -20.50 -2.90
CA SER B 202 14.19 -19.97 -2.86
C SER B 202 13.68 -20.12 -1.44
N ARG B 203 12.54 -19.49 -1.16
CA ARG B 203 11.88 -19.61 0.12
C ARG B 203 11.49 -21.10 0.36
N ALA B 204 11.07 -21.78 -0.72
CA ALA B 204 10.71 -23.22 -0.58
C ALA B 204 11.91 -24.06 -0.03
N ALA B 205 13.11 -23.80 -0.59
CA ALA B 205 14.35 -24.46 -0.09
C ALA B 205 14.60 -24.16 1.37
N LEU B 206 14.44 -22.89 1.76
CA LEU B 206 14.60 -22.51 3.16
C LEU B 206 13.57 -23.19 4.10
N ASP B 207 12.33 -23.27 3.63
CA ASP B 207 11.22 -23.85 4.41
C ASP B 207 11.44 -25.35 4.62
N GLU B 208 12.01 -26.01 3.58
CA GLU B 208 12.39 -27.44 3.59
C GLU B 208 13.48 -27.70 4.63
N MSE B 209 14.49 -26.82 4.66
CA MSE B 209 15.58 -26.91 5.67
C MSE B 209 14.98 -26.68 7.00
O MSE B 209 15.40 -27.35 7.92
CB MSE B 209 16.70 -25.83 5.37
CG MSE B 209 17.38 -26.31 4.10
SE MSE B 209 18.54 -24.83 3.37
CE MSE B 209 19.23 -24.65 5.18
N HIS B 210 14.04 -25.76 7.16
CA HIS B 210 13.36 -25.59 8.46
C HIS B 210 12.63 -26.84 8.91
N ALA B 211 12.07 -27.54 7.93
CA ALA B 211 11.32 -28.77 8.24
C ALA B 211 12.29 -29.90 8.66
N GLU B 212 13.49 -29.94 8.07
CA GLU B 212 14.56 -30.83 8.53
C GLU B 212 15.12 -30.43 9.95
N TYR B 213 15.35 -29.14 10.23
CA TYR B 213 15.86 -28.75 11.58
C TYR B 213 14.84 -29.17 12.63
N ARG B 214 13.57 -28.88 12.37
CA ARG B 214 12.54 -29.21 13.34
C ARG B 214 12.37 -30.72 13.55
N GLU B 215 12.52 -31.50 12.48
CA GLU B 215 12.13 -32.92 12.44
C GLU B 215 13.24 -33.88 12.80
N THR B 216 14.49 -33.41 12.78
CA THR B 216 15.66 -34.27 12.88
C THR B 216 16.65 -33.66 13.85
N GLY B 217 16.57 -32.35 14.06
CA GLY B 217 17.47 -31.67 14.99
C GLY B 217 18.74 -31.06 14.43
N ALA B 218 18.94 -31.15 13.12
CA ALA B 218 19.92 -30.27 12.43
C ALA B 218 19.62 -30.17 10.94
N ILE B 219 20.55 -29.53 10.24
CA ILE B 219 20.49 -29.41 8.79
C ILE B 219 21.78 -30.04 8.26
N ALA B 220 21.63 -31.19 7.65
CA ALA B 220 22.72 -32.08 7.35
C ALA B 220 23.78 -31.35 6.51
N ALA B 221 23.28 -30.56 5.54
CA ALA B 221 24.11 -29.83 4.59
C ALA B 221 25.08 -28.84 5.28
N LEU B 222 24.80 -28.46 6.51
CA LEU B 222 25.56 -27.42 7.17
C LEU B 222 26.72 -28.00 7.91
N GLU B 223 26.71 -29.32 8.11
CA GLU B 223 27.70 -29.92 9.02
C GLU B 223 29.13 -29.63 8.58
N ARG B 224 29.42 -29.84 7.29
CA ARG B 224 30.76 -29.61 6.77
C ARG B 224 30.87 -28.30 5.98
N ALA B 225 29.86 -27.43 6.04
CA ALA B 225 29.93 -26.09 5.41
C ALA B 225 30.85 -25.13 6.15
N ALA B 226 31.65 -24.36 5.42
CA ALA B 226 32.46 -23.28 6.03
C ALA B 226 31.53 -22.28 6.78
N LYS B 227 32.03 -21.77 7.90
CA LYS B 227 31.27 -20.78 8.69
C LYS B 227 32.11 -19.59 9.18
N ILE B 228 31.40 -18.48 9.39
CA ILE B 228 32.00 -17.26 9.90
C ILE B 228 31.31 -16.96 11.16
N MSE B 229 32.00 -16.71 12.19
CA MSE B 229 31.33 -16.30 13.39
C MSE B 229 31.60 -14.83 13.73
O MSE B 229 32.73 -14.37 13.58
CB MSE B 229 31.66 -17.29 14.55
CG MSE B 229 31.26 -18.79 14.36
SE MSE B 229 32.30 -19.86 15.64
CE MSE B 229 30.84 -20.24 16.88
N LEU B 230 30.65 -14.02 13.83
CA LEU B 230 30.74 -12.59 14.04
C LEU B 230 30.36 -12.31 15.48
N LYS B 231 30.92 -11.26 16.08
CA LYS B 231 30.51 -10.91 17.45
C LYS B 231 30.39 -9.39 17.49
N PRO B 232 29.39 -8.84 16.78
CA PRO B 232 29.21 -7.37 16.71
C PRO B 232 29.10 -6.78 18.12
N GLN B 233 29.88 -5.73 18.42
CA GLN B 233 29.84 -5.01 19.71
C GLN B 233 29.01 -3.72 19.56
N PRO B 234 28.48 -3.15 20.68
CA PRO B 234 27.89 -1.82 20.56
C PRO B 234 28.81 -0.82 19.86
N GLY B 235 28.18 -0.07 18.96
CA GLY B 235 28.84 0.95 18.09
C GLY B 235 29.35 0.38 16.77
N GLN B 236 29.20 -0.93 16.58
CA GLN B 236 29.73 -1.57 15.35
C GLN B 236 28.65 -1.73 14.33
N LEU B 237 29.01 -1.50 13.04
CA LEU B 237 28.07 -1.76 11.91
C LEU B 237 28.47 -3.11 11.30
N THR B 238 27.50 -4.05 11.16
CA THR B 238 27.78 -5.35 10.50
C THR B 238 27.13 -5.31 9.12
N LEU B 239 27.94 -5.48 8.07
CA LEU B 239 27.44 -5.53 6.68
C LEU B 239 27.75 -6.92 6.16
N PHE B 240 26.75 -7.56 5.55
CA PHE B 240 27.01 -8.89 5.13
C PHE B 240 26.16 -9.28 3.94
N GLN B 241 26.60 -10.34 3.22
CA GLN B 241 25.82 -10.84 2.13
C GLN B 241 24.67 -11.67 2.71
N SER B 242 23.43 -11.13 2.61
CA SER B 242 22.31 -11.76 3.37
C SER B 242 21.76 -13.06 2.73
N LYS B 243 22.15 -13.37 1.48
CA LYS B 243 21.72 -14.60 0.88
C LYS B 243 22.35 -15.83 1.55
N ASN B 244 23.45 -15.63 2.26
CA ASN B 244 24.06 -16.77 2.99
C ASN B 244 23.24 -17.08 4.18
N LEU B 245 23.02 -18.34 4.46
CA LEU B 245 22.30 -18.68 5.70
C LEU B 245 23.01 -18.14 6.92
N HIS B 246 22.23 -17.62 7.87
CA HIS B 246 22.79 -17.08 9.07
C HIS B 246 21.82 -17.17 10.21
N ALA B 247 22.37 -17.07 11.41
CA ALA B 247 21.54 -17.12 12.64
C ALA B 247 22.12 -16.27 13.74
N ILE B 248 21.22 -15.63 14.49
CA ILE B 248 21.62 -14.84 15.68
C ILE B 248 21.70 -15.74 16.90
N GLU B 249 22.81 -15.74 17.64
CA GLU B 249 22.91 -16.66 18.83
C GLU B 249 21.97 -16.18 19.94
N ARG B 250 21.54 -17.08 20.86
CA ARG B 250 20.57 -16.65 21.88
C ARG B 250 21.25 -15.71 22.91
N CYS B 251 20.53 -14.65 23.27
CA CYS B 251 20.99 -13.59 24.16
C CYS B 251 20.63 -13.91 25.59
N THR B 252 21.50 -13.54 26.53
CA THR B 252 21.11 -13.57 27.96
C THR B 252 20.48 -12.29 28.45
N SER B 253 20.70 -11.17 27.76
CA SER B 253 20.02 -9.92 28.10
C SER B 253 19.65 -9.14 26.84
N THR B 254 18.90 -8.06 27.07
CA THR B 254 18.46 -7.11 26.03
C THR B 254 19.54 -6.76 24.98
N ARG B 255 19.18 -6.88 23.70
CA ARG B 255 20.11 -6.54 22.57
C ARG B 255 19.29 -5.55 21.77
N ARG B 256 19.90 -4.44 21.35
CA ARG B 256 19.14 -3.48 20.52
C ARG B 256 19.97 -3.19 19.26
N THR B 257 19.33 -3.18 18.07
CA THR B 257 20.04 -2.94 16.79
C THR B 257 19.18 -2.08 15.92
N MSE B 258 19.76 -1.49 14.87
CA MSE B 258 19.02 -0.73 13.88
C MSE B 258 19.44 -1.41 12.57
O MSE B 258 20.67 -1.60 12.37
CB MSE B 258 19.79 0.59 13.90
CG MSE B 258 18.94 1.59 14.57
SE MSE B 258 20.17 3.14 14.54
CE MSE B 258 19.96 3.04 16.33
N GLY B 259 18.53 -1.67 11.64
CA GLY B 259 18.92 -2.47 10.47
C GLY B 259 18.16 -2.12 9.19
N LEU B 260 18.76 -2.47 8.07
CA LEU B 260 18.10 -2.35 6.78
C LEU B 260 18.85 -3.33 5.83
N PHE B 261 18.42 -3.37 4.57
CA PHE B 261 19.08 -4.18 3.52
C PHE B 261 19.32 -3.26 2.35
N LEU B 262 20.32 -3.63 1.54
CA LEU B 262 20.71 -2.93 0.35
C LEU B 262 20.71 -3.88 -0.86
N ILE B 263 20.23 -3.37 -2.00
CA ILE B 263 20.44 -4.05 -3.28
C ILE B 263 20.96 -2.99 -4.30
N HIS B 264 21.80 -3.42 -5.22
CA HIS B 264 22.41 -2.53 -6.17
C HIS B 264 21.62 -2.69 -7.46
N THR B 265 20.63 -1.84 -7.70
CA THR B 265 19.71 -2.04 -8.84
C THR B 265 20.23 -1.33 -10.08
N GLU B 266 19.50 -1.44 -11.20
CA GLU B 266 19.88 -0.67 -12.41
C GLU B 266 19.89 0.82 -12.09
N ASP B 267 19.03 1.26 -11.19
CA ASP B 267 18.83 2.67 -10.91
C ASP B 267 19.81 3.22 -9.85
N GLY B 268 20.67 2.38 -9.29
CA GLY B 268 21.53 2.74 -8.17
C GLY B 268 21.23 1.88 -6.95
N TRP B 269 21.89 2.24 -5.84
CA TRP B 269 21.67 1.52 -4.54
C TRP B 269 20.30 1.81 -3.98
N ARG B 270 19.61 0.76 -3.47
CA ARG B 270 18.28 0.97 -2.89
C ARG B 270 18.21 0.28 -1.54
N MSE B 271 17.60 0.96 -0.60
CA MSE B 271 17.50 0.51 0.81
C MSE B 271 16.06 0.05 1.12
O MSE B 271 15.09 0.60 0.61
CB MSE B 271 17.67 1.72 1.77
CG MSE B 271 19.12 2.13 1.75
SE MSE B 271 19.26 3.84 2.80
CE MSE B 271 18.40 5.09 1.57
N PHE B 272 15.89 -1.01 1.91
CA PHE B 272 14.54 -1.41 2.35
C PHE B 272 14.67 -2.23 3.62
N ASP B 273 13.59 -2.39 4.34
CA ASP B 273 13.58 -3.40 5.44
C ASP B 273 12.19 -4.00 5.53
ZN ZN C . -20.10 3.75 -10.45
ZN ZN D . 19.03 -11.08 7.87
#